data_6X9X
#
_entry.id   6X9X
#
_cell.length_a   82.535
_cell.length_b   113.699
_cell.length_c   122.696
_cell.angle_alpha   90.00
_cell.angle_beta   90.00
_cell.angle_gamma   90.00
#
_symmetry.space_group_name_H-M   'C 2 2 21'
#
loop_
_entity.id
_entity.type
_entity.pdbx_description
1 polymer 'HC84.26 Fab Heavy Chain'
2 polymer 'HC84.26 Fab Light Chain'
3 non-polymer 'ACETATE ION'
4 non-polymer 1,2-ETHANEDIOL
5 water water
#
loop_
_entity_poly.entity_id
_entity_poly.type
_entity_poly.pdbx_seq_one_letter_code
_entity_poly.pdbx_strand_id
1 'polypeptide(L)'
;QVQPVQSGAEVKKPGSSVKVSCEASGGTHSNYVITWVRQAPGQGLEWMGGFIPDFRTAMYAQGFQGRVTITADESTSLAY
MELTNLRSEDTAVYYCARGPLSRGYYDYWGPGTLVTVSASTKGPSVFPLAPSSKSTSGGTAALGCLVKDYFPEPVTVSWN
SGALTSGVHTFPAVLQSSGLYSLSSVVTVPSSSLGTQTYICNVNHKPSNTKVDKRVEPKSCDKTAGWSHPQFEK
;
A
2 'polypeptide(L)'
;SYVLTQPPSVSVAPGQTASITCSGDKLGDKYVSWYQQRPGQSPVLVLYQDSKRPSGIPERFSGSNSGNTATLTISGTQAM
DEADYYCQAWDSSALVFGGGTKLTVLRTVAAPSVFIFPPSDEQLKSGTASVVCLLNNFYPREAKVQWKVDNALQSGNSQE
SVTEQDSKDSTYSLSSTLTLSKADYEKHKVYACEVTHQGLSSPVTKSFNRGEC
;
B
#
loop_
_chem_comp.id
_chem_comp.type
_chem_comp.name
_chem_comp.formula
ACT non-polymer 'ACETATE ION' 'C2 H3 O2 -1'
EDO non-polymer 1,2-ETHANEDIOL 'C2 H6 O2'
#
# COMPACT_ATOMS: atom_id res chain seq x y z
N SER A 7 9.20 -1.96 16.18
CA SER A 7 9.77 -3.06 17.04
C SER A 7 8.92 -4.35 16.96
N GLY A 8 8.76 -5.06 18.07
CA GLY A 8 8.23 -6.41 18.08
C GLY A 8 9.29 -7.42 17.63
N ALA A 9 9.35 -7.68 16.31
CA ALA A 9 10.19 -8.77 15.75
C ALA A 9 10.60 -8.56 14.31
N GLU A 10 11.90 -8.73 14.04
CA GLU A 10 12.49 -8.63 12.70
C GLU A 10 13.27 -9.90 12.42
N VAL A 11 13.18 -10.38 11.16
CA VAL A 11 13.99 -11.46 10.67
C VAL A 11 15.06 -10.82 9.82
N LYS A 12 16.27 -11.40 9.83
CA LYS A 12 17.41 -10.89 9.06
C LYS A 12 18.18 -12.03 8.43
N LYS A 13 18.82 -11.73 7.31
CA LYS A 13 19.65 -12.66 6.61
C LYS A 13 21.07 -12.62 7.20
N PRO A 14 21.75 -13.78 7.31
CA PRO A 14 23.19 -13.79 7.61
C PRO A 14 23.97 -12.87 6.68
N GLY A 15 24.87 -12.06 7.26
CA GLY A 15 25.63 -11.04 6.55
C GLY A 15 24.94 -9.72 6.39
N SER A 16 23.66 -9.62 6.73
CA SER A 16 22.98 -8.33 6.69
C SER A 16 23.30 -7.59 8.02
N SER A 17 22.55 -6.54 8.30
CA SER A 17 22.76 -5.71 9.48
C SER A 17 21.41 -5.31 10.06
N VAL A 18 21.40 -5.01 11.36
CA VAL A 18 20.21 -4.53 12.04
C VAL A 18 20.59 -3.24 12.76
N LYS A 19 19.70 -2.24 12.70
CA LYS A 19 19.92 -0.96 13.32
C LYS A 19 18.89 -0.80 14.44
N VAL A 20 19.37 -0.48 15.64
CA VAL A 20 18.53 -0.27 16.82
C VAL A 20 18.63 1.19 17.24
N SER A 21 17.50 1.91 17.20
CA SER A 21 17.51 3.32 17.56
C SER A 21 17.08 3.52 19.00
N CYS A 22 17.51 4.66 19.57
CA CYS A 22 17.24 5.04 20.94
CA CYS A 22 17.22 5.03 20.95
C CYS A 22 17.08 6.53 21.02
N GLU A 23 16.24 6.98 21.96
CA GLU A 23 16.00 8.39 22.27
C GLU A 23 17.22 8.99 22.97
N ALA A 24 17.76 10.07 22.37
CA ALA A 24 18.90 10.83 22.88
C ALA A 24 18.55 12.31 23.12
N SER A 30 20.36 15.79 29.86
CA SER A 30 21.81 15.85 30.04
C SER A 30 22.28 14.91 31.16
N ASN A 31 23.60 14.69 31.22
CA ASN A 31 24.27 13.80 32.15
C ASN A 31 23.75 12.35 32.10
N TYR A 32 23.39 11.88 30.90
CA TYR A 32 22.99 10.47 30.74
C TYR A 32 23.76 9.76 29.65
N VAL A 33 23.80 8.42 29.77
CA VAL A 33 24.40 7.55 28.80
C VAL A 33 23.28 6.72 28.17
N ILE A 34 23.43 6.37 26.89
CA ILE A 34 22.58 5.42 26.20
C ILE A 34 23.42 4.16 26.09
N THR A 35 22.79 3.00 26.33
CA THR A 35 23.48 1.74 26.21
C THR A 35 22.61 0.76 25.42
N TRP A 36 23.27 -0.06 24.61
CA TRP A 36 22.56 -1.12 23.91
C TRP A 36 22.91 -2.43 24.58
N VAL A 37 21.88 -3.24 24.84
CA VAL A 37 22.01 -4.50 25.53
C VAL A 37 21.19 -5.52 24.76
N ARG A 38 21.70 -6.75 24.63
CA ARG A 38 20.90 -7.79 24.03
C ARG A 38 20.75 -8.99 24.95
N GLN A 39 19.79 -9.84 24.62
CA GLN A 39 19.47 -10.98 25.42
C GLN A 39 19.09 -12.15 24.51
N ALA A 40 19.98 -13.14 24.38
CA ALA A 40 19.60 -14.34 23.59
C ALA A 40 18.40 -15.05 24.23
N PRO A 41 17.56 -15.76 23.45
CA PRO A 41 16.36 -16.39 24.01
C PRO A 41 16.73 -17.35 25.13
N GLY A 42 16.08 -17.20 26.29
CA GLY A 42 16.37 -17.98 27.48
C GLY A 42 17.67 -17.64 28.20
N GLN A 43 18.36 -16.57 27.79
CA GLN A 43 19.69 -16.24 28.34
C GLN A 43 19.71 -14.89 29.10
N GLY A 44 20.91 -14.52 29.56
CA GLY A 44 21.17 -13.30 30.31
C GLY A 44 21.40 -12.09 29.41
N LEU A 45 21.89 -11.00 30.00
CA LEU A 45 22.00 -9.71 29.31
C LEU A 45 23.45 -9.48 28.99
N GLU A 46 23.70 -8.95 27.79
CA GLU A 46 25.03 -8.69 27.27
C GLU A 46 25.12 -7.27 26.71
N TRP A 47 26.10 -6.50 27.18
CA TRP A 47 26.30 -5.12 26.78
C TRP A 47 26.94 -5.08 25.40
N MET A 48 26.48 -4.17 24.53
CA MET A 48 27.03 -4.09 23.18
C MET A 48 27.83 -2.81 22.90
N GLY A 49 27.47 -1.76 23.61
CA GLY A 49 28.11 -0.48 23.44
C GLY A 49 27.21 0.60 23.99
N GLY A 50 27.61 1.86 23.81
CA GLY A 50 26.82 2.97 24.26
C GLY A 50 27.25 4.25 23.60
N PHE A 51 26.55 5.32 23.97
CA PHE A 51 26.78 6.63 23.40
C PHE A 51 26.50 7.64 24.47
N ILE A 52 27.33 8.70 24.54
CA ILE A 52 27.15 9.75 25.50
C ILE A 52 26.78 11.03 24.76
N PRO A 53 25.48 11.42 24.73
CA PRO A 53 25.03 12.56 23.94
C PRO A 53 25.72 13.88 24.22
N ASP A 54 26.05 14.19 25.47
CA ASP A 54 26.70 15.45 25.82
C ASP A 54 28.13 15.60 25.31
N PHE A 55 28.80 14.47 25.02
CA PHE A 55 30.19 14.52 24.58
C PHE A 55 30.34 13.95 23.17
N ARG A 56 29.23 13.40 22.65
CA ARG A 56 29.12 12.78 21.35
C ARG A 56 30.17 11.68 21.16
N THR A 57 30.44 10.93 22.23
CA THR A 57 31.37 9.80 22.19
C THR A 57 30.66 8.47 22.30
N ALA A 58 31.27 7.45 21.66
CA ALA A 58 30.80 6.10 21.68
C ALA A 58 31.70 5.18 22.52
N MET A 59 31.10 4.09 23.00
CA MET A 59 31.78 3.02 23.71
C MET A 59 31.44 1.72 22.98
N TYR A 60 32.41 0.82 22.84
CA TYR A 60 32.25 -0.43 22.06
C TYR A 60 32.71 -1.66 22.85
N ALA A 61 31.89 -2.72 22.84
CA ALA A 61 32.22 -4.00 23.50
C ALA A 61 33.16 -4.77 22.61
N GLN A 62 34.23 -5.31 23.21
CA GLN A 62 35.28 -6.00 22.40
C GLN A 62 34.79 -7.30 21.73
N GLY A 63 33.84 -7.99 22.39
CA GLY A 63 33.32 -9.25 21.87
C GLY A 63 32.72 -9.14 20.46
N PHE A 64 32.41 -7.91 20.02
CA PHE A 64 31.72 -7.72 18.76
C PHE A 64 32.66 -7.41 17.60
N GLN A 65 33.97 -7.49 17.87
CA GLN A 65 34.99 -7.24 16.87
C GLN A 65 34.79 -5.76 16.49
N GLY A 66 34.68 -5.48 15.20
CA GLY A 66 34.35 -4.16 14.73
C GLY A 66 32.95 -4.11 14.15
N ARG A 67 32.05 -5.04 14.54
CA ARG A 67 30.73 -5.16 13.95
C ARG A 67 29.66 -4.18 14.46
N VAL A 68 30.01 -3.42 15.53
CA VAL A 68 29.09 -2.51 16.15
C VAL A 68 29.44 -1.10 15.70
N THR A 69 28.52 -0.50 14.93
CA THR A 69 28.63 0.86 14.48
C THR A 69 27.64 1.72 15.28
N ILE A 70 28.15 2.80 15.86
CA ILE A 70 27.38 3.71 16.71
C ILE A 70 27.43 5.12 16.09
N THR A 71 26.23 5.65 15.77
CA THR A 71 26.07 6.94 15.11
C THR A 71 24.98 7.73 15.84
N ALA A 72 24.96 9.05 15.66
CA ALA A 72 23.87 9.83 16.23
C ALA A 72 23.42 10.87 15.26
N ASP A 73 22.22 11.43 15.54
CA ASP A 73 21.67 12.56 14.80
C ASP A 73 21.24 13.63 15.83
N GLU A 74 22.07 14.68 15.96
CA GLU A 74 21.81 15.82 16.85
C GLU A 74 20.39 16.38 16.66
N SER A 75 19.96 16.48 15.41
CA SER A 75 18.70 17.11 15.01
C SER A 75 17.49 16.36 15.55
N THR A 76 17.44 15.04 15.29
CA THR A 76 16.31 14.19 15.72
C THR A 76 16.48 13.65 17.14
N SER A 77 17.58 14.04 17.81
CA SER A 77 18.01 13.48 19.09
C SER A 77 17.72 11.96 19.13
N LEU A 78 18.22 11.26 18.11
CA LEU A 78 18.24 9.81 18.04
C LEU A 78 19.72 9.38 17.94
N ALA A 79 20.05 8.26 18.59
CA ALA A 79 21.34 7.60 18.44
C ALA A 79 21.04 6.21 17.99
N TYR A 80 21.98 5.58 17.27
CA TYR A 80 21.71 4.32 16.60
C TYR A 80 22.87 3.37 16.81
N MET A 81 22.55 2.09 17.02
CA MET A 81 23.55 1.02 17.03
C MET A 81 23.21 0.12 15.84
N GLU A 82 24.16 -0.03 14.93
CA GLU A 82 24.04 -0.97 13.86
C GLU A 82 25.00 -2.12 14.10
N LEU A 83 24.46 -3.33 14.10
CA LEU A 83 25.25 -4.56 14.17
C LEU A 83 25.33 -5.19 12.79
N THR A 84 26.55 -5.28 12.29
CA THR A 84 26.78 -5.75 10.91
C THR A 84 27.23 -7.18 10.89
N ASN A 85 27.25 -7.75 9.68
CA ASN A 85 27.74 -9.09 9.43
C ASN A 85 27.06 -10.10 10.36
N LEU A 86 25.72 -10.03 10.39
CA LEU A 86 24.93 -10.86 11.26
C LEU A 86 25.14 -12.34 11.01
N ARG A 87 25.13 -13.09 12.11
CA ARG A 87 25.18 -14.55 12.11
C ARG A 87 24.06 -15.10 13.00
N SER A 88 23.83 -16.40 12.89
N SER A 88 23.82 -16.40 12.88
CA SER A 88 22.80 -17.07 13.64
CA SER A 88 22.80 -17.11 13.64
C SER A 88 22.87 -16.81 15.15
C SER A 88 22.86 -16.79 15.14
N GLU A 89 24.07 -16.77 15.70
CA GLU A 89 24.24 -16.52 17.11
C GLU A 89 23.92 -15.09 17.54
N ASP A 90 23.64 -14.18 16.60
CA ASP A 90 23.18 -12.85 16.97
C ASP A 90 21.67 -12.78 17.21
N THR A 91 20.98 -13.89 17.05
CA THR A 91 19.55 -13.97 17.36
C THR A 91 19.34 -13.63 18.85
N ALA A 92 18.58 -12.56 19.12
CA ALA A 92 18.40 -12.02 20.47
C ALA A 92 17.33 -10.94 20.48
N VAL A 93 16.89 -10.60 21.69
CA VAL A 93 16.13 -9.36 21.91
C VAL A 93 17.13 -8.24 22.18
N TYR A 94 17.01 -7.15 21.42
CA TYR A 94 17.85 -5.96 21.47
C TYR A 94 17.09 -4.80 22.14
N TYR A 95 17.72 -4.24 23.17
CA TYR A 95 17.19 -3.15 23.96
C TYR A 95 18.11 -1.93 23.90
N CYS A 96 17.47 -0.75 23.99
CA CYS A 96 18.18 0.44 24.40
CA CYS A 96 18.06 0.53 24.40
C CYS A 96 17.85 0.72 25.86
N ALA A 97 18.85 1.19 26.59
CA ALA A 97 18.70 1.57 27.97
C ALA A 97 19.35 2.92 28.17
N ARG A 98 18.91 3.61 29.22
CA ARG A 98 19.47 4.91 29.62
C ARG A 98 19.71 4.93 31.10
N GLY A 99 20.80 5.59 31.50
CA GLY A 99 21.06 5.87 32.90
C GLY A 99 21.90 7.13 33.07
N PRO A 100 22.01 7.67 34.30
CA PRO A 100 22.83 8.85 34.55
C PRO A 100 24.34 8.56 34.49
N LEU A 101 25.10 9.52 33.94
CA LEU A 101 26.56 9.35 33.75
C LEU A 101 27.32 8.99 35.00
N SER A 102 28.28 8.07 34.84
CA SER A 102 29.22 7.64 35.88
C SER A 102 28.62 7.02 37.15
N ARG A 103 27.39 6.49 37.06
CA ARG A 103 26.73 5.81 38.19
C ARG A 103 26.62 4.28 38.01
N GLY A 104 26.69 3.81 36.76
CA GLY A 104 26.77 2.39 36.45
C GLY A 104 25.44 1.64 36.59
N TYR A 105 24.32 2.37 36.54
CA TYR A 105 22.99 1.75 36.53
C TYR A 105 22.11 2.32 35.40
N TYR A 106 21.08 1.54 35.01
CA TYR A 106 20.14 1.92 33.96
C TYR A 106 18.71 1.95 34.43
N ASP A 107 18.17 3.17 34.60
CA ASP A 107 16.87 3.34 35.21
C ASP A 107 15.75 3.33 34.21
N TYR A 108 16.07 3.37 32.92
CA TYR A 108 15.06 3.19 31.90
C TYR A 108 15.49 2.21 30.81
N TRP A 109 14.60 1.29 30.43
CA TRP A 109 14.87 0.33 29.35
C TRP A 109 13.75 0.48 28.35
N GLY A 110 14.10 0.65 27.08
CA GLY A 110 13.14 0.75 26.01
C GLY A 110 12.52 -0.61 25.70
N PRO A 111 11.57 -0.65 24.75
CA PRO A 111 10.93 -1.92 24.37
C PRO A 111 11.91 -2.74 23.54
N GLY A 112 11.86 -4.07 23.71
CA GLY A 112 12.75 -4.97 23.02
C GLY A 112 12.31 -5.26 21.62
N THR A 113 13.28 -5.48 20.73
CA THR A 113 13.04 -6.00 19.41
C THR A 113 13.72 -7.34 19.28
N LEU A 114 12.93 -8.37 18.96
CA LEU A 114 13.46 -9.70 18.69
C LEU A 114 14.00 -9.70 17.28
N VAL A 115 15.29 -10.03 17.13
CA VAL A 115 15.93 -10.13 15.82
C VAL A 115 16.35 -11.57 15.69
N THR A 116 15.84 -12.26 14.67
CA THR A 116 16.17 -13.63 14.38
C THR A 116 16.90 -13.69 13.05
N VAL A 117 18.12 -14.25 13.09
CA VAL A 117 18.98 -14.34 11.92
C VAL A 117 18.82 -15.72 11.34
N SER A 118 18.21 -15.78 10.15
CA SER A 118 17.79 -17.02 9.52
C SER A 118 18.32 -17.12 8.10
N ALA A 119 19.05 -18.21 7.84
CA ALA A 119 19.61 -18.51 6.52
C ALA A 119 18.59 -18.64 5.37
N SER A 120 17.33 -18.90 5.70
CA SER A 120 16.26 -19.04 4.71
C SER A 120 15.87 -17.70 4.08
N THR A 121 16.32 -16.60 4.70
CA THR A 121 15.99 -15.28 4.25
C THR A 121 16.57 -15.07 2.83
N LYS A 122 15.74 -14.56 1.92
CA LYS A 122 16.12 -14.32 0.56
C LYS A 122 15.45 -13.05 0.05
N GLY A 123 16.25 -12.16 -0.54
CA GLY A 123 15.74 -10.95 -1.16
C GLY A 123 15.11 -11.20 -2.54
N PRO A 124 14.16 -10.34 -2.97
CA PRO A 124 13.43 -10.53 -4.22
C PRO A 124 14.21 -10.10 -5.44
N SER A 125 13.82 -10.64 -6.59
CA SER A 125 14.11 -10.08 -7.90
C SER A 125 12.90 -9.26 -8.31
N VAL A 126 13.15 -8.09 -8.95
CA VAL A 126 12.11 -7.18 -9.38
C VAL A 126 12.12 -7.07 -10.91
N PHE A 127 10.98 -7.40 -11.54
CA PHE A 127 10.85 -7.40 -12.98
C PHE A 127 9.72 -6.47 -13.41
N PRO A 128 9.86 -5.79 -14.57
CA PRO A 128 8.82 -4.90 -15.07
C PRO A 128 7.65 -5.70 -15.63
N LEU A 129 6.45 -5.16 -15.37
CA LEU A 129 5.24 -5.52 -16.10
C LEU A 129 4.97 -4.35 -17.03
N ALA A 130 5.49 -4.47 -18.25
CA ALA A 130 5.57 -3.32 -19.13
C ALA A 130 4.21 -3.01 -19.75
N PRO A 131 3.85 -1.73 -19.94
CA PRO A 131 2.59 -1.39 -20.60
C PRO A 131 2.57 -1.84 -22.06
N SER A 132 1.47 -2.45 -22.47
CA SER A 132 1.21 -2.98 -23.82
C SER A 132 1.33 -1.85 -24.82
N SER A 133 1.95 -2.16 -25.96
CA SER A 133 2.00 -1.25 -27.11
C SER A 133 0.66 -1.23 -27.91
N LYS A 134 -0.29 -2.09 -27.52
CA LYS A 134 -1.64 -2.13 -28.08
C LYS A 134 -2.69 -1.57 -27.11
N SER A 135 -2.23 -0.83 -26.09
CA SER A 135 -3.11 -0.10 -25.14
C SER A 135 -4.09 0.81 -25.91
N THR A 136 -5.28 1.04 -25.35
CA THR A 136 -6.32 1.85 -26.00
C THR A 136 -5.84 3.32 -26.12
N SER A 137 -5.72 3.81 -27.37
CA SER A 137 -5.42 5.21 -27.65
C SER A 137 -6.45 6.14 -26.96
N GLY A 138 -5.97 7.03 -26.09
CA GLY A 138 -6.83 7.88 -25.27
C GLY A 138 -7.71 7.11 -24.27
N GLY A 139 -7.31 5.87 -23.93
CA GLY A 139 -7.97 5.00 -22.97
C GLY A 139 -7.03 4.83 -21.79
N THR A 140 -6.96 3.61 -21.26
CA THR A 140 -6.24 3.32 -20.05
C THR A 140 -5.25 2.19 -20.28
N ALA A 141 -4.04 2.34 -19.72
CA ALA A 141 -3.00 1.32 -19.79
C ALA A 141 -2.70 0.83 -18.38
N ALA A 142 -2.20 -0.40 -18.29
CA ALA A 142 -1.74 -0.97 -17.04
C ALA A 142 -0.29 -1.30 -17.12
N LEU A 143 0.40 -1.13 -15.99
CA LEU A 143 1.80 -1.50 -15.86
C LEU A 143 2.06 -1.88 -14.41
N GLY A 144 3.25 -2.43 -14.14
CA GLY A 144 3.54 -2.90 -12.81
C GLY A 144 4.92 -3.40 -12.59
N CYS A 145 5.13 -3.92 -11.38
CA CYS A 145 6.36 -4.57 -11.01
C CYS A 145 5.98 -5.93 -10.45
N LEU A 146 6.68 -6.96 -10.92
CA LEU A 146 6.63 -8.32 -10.36
C LEU A 146 7.78 -8.50 -9.38
N VAL A 147 7.46 -8.78 -8.11
CA VAL A 147 8.46 -8.92 -7.06
C VAL A 147 8.52 -10.42 -6.72
N LYS A 148 9.60 -11.08 -7.13
CA LYS A 148 9.62 -12.55 -7.14
C LYS A 148 10.69 -13.13 -6.26
N ASP A 149 10.31 -14.20 -5.54
CA ASP A 149 11.24 -15.16 -4.94
C ASP A 149 11.93 -14.53 -3.74
N TYR A 150 11.12 -14.14 -2.76
CA TYR A 150 11.62 -13.64 -1.49
C TYR A 150 11.09 -14.43 -0.30
N PHE A 151 11.80 -14.29 0.83
CA PHE A 151 11.39 -14.92 2.06
C PHE A 151 12.06 -14.20 3.22
N PRO A 152 11.39 -13.97 4.36
CA PRO A 152 9.96 -14.17 4.53
C PRO A 152 9.20 -12.95 4.05
N GLU A 153 7.89 -12.92 4.33
CA GLU A 153 7.13 -11.69 4.16
C GLU A 153 7.58 -10.70 5.23
N PRO A 154 7.33 -9.37 5.09
CA PRO A 154 6.74 -8.77 3.90
C PRO A 154 7.69 -8.04 2.96
N VAL A 155 7.19 -7.75 1.75
CA VAL A 155 7.75 -6.66 0.95
C VAL A 155 6.73 -5.56 0.94
N THR A 156 7.20 -4.33 0.78
CA THR A 156 6.38 -3.17 0.56
C THR A 156 6.77 -2.59 -0.82
N VAL A 157 5.77 -2.02 -1.50
CA VAL A 157 5.96 -1.37 -2.80
C VAL A 157 5.29 -0.01 -2.75
N SER A 158 5.99 1.00 -3.26
CA SER A 158 5.39 2.25 -3.55
C SER A 158 5.73 2.59 -4.98
N TRP A 159 5.07 3.63 -5.49
CA TRP A 159 5.31 4.18 -6.82
C TRP A 159 5.71 5.63 -6.69
N ASN A 160 6.82 5.98 -7.36
CA ASN A 160 7.31 7.35 -7.43
C ASN A 160 7.45 7.92 -5.99
N SER A 161 8.10 7.13 -5.14
CA SER A 161 8.34 7.42 -3.72
C SER A 161 7.10 7.48 -2.86
N GLY A 162 5.96 7.07 -3.41
CA GLY A 162 4.68 7.19 -2.72
C GLY A 162 3.84 8.34 -3.21
N ALA A 163 4.34 9.09 -4.20
CA ALA A 163 3.60 10.19 -4.77
C ALA A 163 2.49 9.74 -5.71
N LEU A 164 2.60 8.51 -6.20
CA LEU A 164 1.60 7.94 -7.12
C LEU A 164 0.84 6.85 -6.34
N THR A 165 -0.40 7.15 -6.01
CA THR A 165 -1.27 6.23 -5.28
C THR A 165 -2.58 5.89 -6.02
N SER A 166 -3.05 6.82 -6.84
CA SER A 166 -4.31 6.66 -7.55
C SER A 166 -4.18 5.50 -8.56
N GLY A 167 -5.08 4.53 -8.50
CA GLY A 167 -5.07 3.39 -9.43
C GLY A 167 -4.05 2.31 -9.14
N VAL A 168 -3.34 2.40 -8.01
CA VAL A 168 -2.36 1.39 -7.63
C VAL A 168 -3.07 0.25 -6.91
N HIS A 169 -2.73 -0.97 -7.29
CA HIS A 169 -3.13 -2.15 -6.53
C HIS A 169 -1.94 -3.03 -6.28
N THR A 170 -1.61 -3.27 -5.01
CA THR A 170 -0.53 -4.14 -4.65
C THR A 170 -1.16 -5.42 -4.07
N PHE A 171 -0.91 -6.55 -4.74
CA PHE A 171 -1.62 -7.79 -4.43
C PHE A 171 -1.04 -8.44 -3.19
N PRO A 172 -1.85 -9.18 -2.43
CA PRO A 172 -1.31 -10.07 -1.39
C PRO A 172 -0.26 -10.99 -1.99
N ALA A 173 0.77 -11.27 -1.20
CA ALA A 173 1.80 -12.23 -1.56
C ALA A 173 1.20 -13.63 -1.71
N VAL A 174 1.78 -14.43 -2.60
CA VAL A 174 1.42 -15.86 -2.71
C VAL A 174 2.63 -16.68 -2.44
N LEU A 175 2.45 -17.78 -1.70
CA LEU A 175 3.52 -18.73 -1.45
C LEU A 175 3.62 -19.67 -2.65
N GLN A 176 4.77 -19.67 -3.32
CA GLN A 176 4.99 -20.52 -4.48
C GLN A 176 5.38 -21.91 -4.02
N SER A 177 5.33 -22.88 -4.95
CA SER A 177 5.68 -24.26 -4.66
CA SER A 177 5.68 -24.26 -4.66
C SER A 177 7.14 -24.40 -4.23
N SER A 178 7.96 -23.42 -4.62
CA SER A 178 9.35 -23.32 -4.18
C SER A 178 9.51 -23.02 -2.70
N GLY A 179 8.44 -22.55 -2.04
CA GLY A 179 8.48 -22.09 -0.66
C GLY A 179 8.86 -20.62 -0.50
N LEU A 180 9.04 -19.93 -1.64
CA LEU A 180 9.31 -18.50 -1.67
C LEU A 180 8.05 -17.75 -2.08
N TYR A 181 7.96 -16.50 -1.63
CA TYR A 181 6.88 -15.63 -1.95
C TYR A 181 7.08 -14.87 -3.25
N SER A 182 5.95 -14.52 -3.85
CA SER A 182 5.86 -13.63 -4.99
C SER A 182 4.68 -12.65 -4.83
N LEU A 183 4.82 -11.43 -5.35
CA LEU A 183 3.65 -10.57 -5.56
C LEU A 183 3.85 -9.60 -6.70
N SER A 184 2.75 -9.01 -7.17
CA SER A 184 2.81 -7.96 -8.16
C SER A 184 2.16 -6.72 -7.58
N SER A 185 2.63 -5.55 -8.03
CA SER A 185 1.97 -4.28 -7.81
C SER A 185 1.74 -3.67 -9.18
N VAL A 186 0.53 -3.21 -9.44
CA VAL A 186 0.15 -2.65 -10.72
C VAL A 186 -0.45 -1.29 -10.51
N VAL A 187 -0.48 -0.53 -11.60
CA VAL A 187 -1.16 0.75 -11.64
C VAL A 187 -1.76 0.95 -13.05
N THR A 188 -2.92 1.60 -13.10
CA THR A 188 -3.52 1.97 -14.36
C THR A 188 -3.35 3.46 -14.51
N VAL A 189 -3.00 3.86 -15.72
CA VAL A 189 -2.69 5.25 -16.04
C VAL A 189 -3.27 5.56 -17.41
N PRO A 190 -3.36 6.85 -17.78
CA PRO A 190 -3.76 7.22 -19.15
C PRO A 190 -2.77 6.66 -20.16
N SER A 191 -3.27 6.02 -21.22
CA SER A 191 -2.42 5.64 -22.37
C SER A 191 -1.64 6.81 -22.89
N SER A 192 -2.29 7.98 -22.97
CA SER A 192 -1.69 9.18 -23.55
C SER A 192 -0.45 9.65 -22.80
N SER A 193 -0.35 9.27 -21.51
CA SER A 193 0.77 9.60 -20.64
C SER A 193 2.03 8.74 -20.88
N LEU A 194 1.91 7.62 -21.58
CA LEU A 194 2.98 6.62 -21.58
C LEU A 194 4.31 7.15 -22.14
N GLY A 195 4.21 8.07 -23.09
CA GLY A 195 5.37 8.58 -23.79
C GLY A 195 6.09 9.73 -23.10
N THR A 196 5.53 10.25 -22.00
CA THR A 196 6.11 11.40 -21.32
C THR A 196 6.25 11.24 -19.80
N GLN A 197 5.41 10.40 -19.20
CA GLN A 197 5.42 10.23 -17.76
C GLN A 197 6.29 9.05 -17.33
N THR A 198 6.99 9.20 -16.20
CA THR A 198 7.84 8.19 -15.63
C THR A 198 7.15 7.48 -14.51
N TYR A 199 7.33 6.15 -14.46
CA TYR A 199 6.75 5.28 -13.43
C TYR A 199 7.84 4.39 -12.87
N ILE A 200 8.09 4.56 -11.58
CA ILE A 200 9.12 3.84 -10.86
C ILE A 200 8.51 3.16 -9.65
N CYS A 201 8.72 1.85 -9.53
CA CYS A 201 8.32 1.15 -8.35
C CYS A 201 9.50 1.06 -7.37
N ASN A 202 9.22 1.39 -6.12
CA ASN A 202 10.14 1.31 -5.01
C ASN A 202 9.78 0.06 -4.20
N VAL A 203 10.68 -0.93 -4.24
CA VAL A 203 10.48 -2.19 -3.56
C VAL A 203 11.40 -2.30 -2.33
N ASN A 204 10.83 -2.62 -1.17
CA ASN A 204 11.61 -2.80 0.05
C ASN A 204 11.35 -4.19 0.66
N HIS A 205 12.43 -4.90 0.97
CA HIS A 205 12.36 -6.15 1.75
C HIS A 205 13.36 -6.00 2.89
N LYS A 206 12.88 -5.61 4.05
CA LYS A 206 13.75 -5.32 5.20
C LYS A 206 14.62 -6.51 5.63
N PRO A 207 14.08 -7.75 5.69
CA PRO A 207 14.91 -8.88 6.10
C PRO A 207 16.21 -9.06 5.36
N SER A 208 16.25 -8.70 4.07
CA SER A 208 17.44 -8.85 3.28
C SER A 208 18.14 -7.51 3.01
N ASN A 209 17.69 -6.45 3.67
CA ASN A 209 18.08 -5.06 3.42
C ASN A 209 18.01 -4.75 1.95
N THR A 210 16.93 -5.17 1.30
CA THR A 210 16.80 -4.95 -0.16
C THR A 210 15.98 -3.69 -0.37
N LYS A 211 16.48 -2.79 -1.21
CA LYS A 211 15.83 -1.53 -1.55
C LYS A 211 16.18 -1.26 -3.02
N VAL A 212 15.16 -1.40 -3.89
CA VAL A 212 15.29 -1.45 -5.34
C VAL A 212 14.29 -0.45 -5.88
N ASP A 213 14.74 0.40 -6.81
CA ASP A 213 13.86 1.23 -7.63
C ASP A 213 13.93 0.66 -9.03
N LYS A 214 12.77 0.37 -9.62
CA LYS A 214 12.70 -0.10 -11.00
C LYS A 214 11.84 0.81 -11.84
N ARG A 215 12.42 1.35 -12.91
CA ARG A 215 11.68 2.17 -13.83
C ARG A 215 10.97 1.25 -14.83
N VAL A 216 9.67 1.46 -15.04
CA VAL A 216 8.88 0.56 -15.91
C VAL A 216 8.51 1.35 -17.13
N GLU A 217 9.00 0.89 -18.29
CA GLU A 217 8.76 1.53 -19.57
C GLU A 217 8.12 0.62 -20.61
N PRO A 218 7.44 1.19 -21.62
CA PRO A 218 6.92 0.40 -22.73
C PRO A 218 8.09 -0.33 -23.38
N LYS A 219 7.92 -1.61 -23.67
CA LYS A 219 8.98 -2.45 -24.24
C LYS A 219 9.35 -1.95 -25.64
N SER A 220 10.67 -1.86 -25.87
CA SER A 220 11.21 -1.33 -27.10
C SER A 220 11.08 -2.33 -28.26
N CYS A 221 10.81 -1.81 -29.45
CA CYS A 221 10.58 -2.59 -30.67
C CYS A 221 11.37 -2.01 -31.84
N SER B 1 -37.72 27.27 16.54
CA SER B 1 -39.16 27.44 16.16
C SER B 1 -39.41 27.35 14.64
N TYR B 2 -38.38 26.99 13.88
CA TYR B 2 -38.53 26.51 12.50
C TYR B 2 -37.73 25.21 12.35
N VAL B 3 -38.03 24.47 11.27
CA VAL B 3 -37.53 23.11 11.06
C VAL B 3 -36.73 23.10 9.74
N LEU B 4 -35.70 22.25 9.69
CA LEU B 4 -34.95 21.98 8.47
C LEU B 4 -35.23 20.55 8.01
N THR B 5 -35.39 20.38 6.69
CA THR B 5 -35.69 19.10 6.10
C THR B 5 -34.65 18.76 5.04
N GLN B 6 -34.18 17.51 5.09
CA GLN B 6 -33.26 17.01 4.13
C GLN B 6 -33.94 15.76 3.62
N PRO B 7 -33.64 15.29 2.40
CA PRO B 7 -34.13 13.98 1.98
C PRO B 7 -33.53 12.96 2.94
N PRO B 8 -34.29 11.93 3.35
CA PRO B 8 -33.72 10.87 4.17
C PRO B 8 -32.61 10.10 3.48
N SER B 9 -32.70 9.95 2.15
CA SER B 9 -31.81 9.07 1.37
C SER B 9 -31.31 9.69 0.09
N VAL B 10 -30.01 9.54 -0.16
CA VAL B 10 -29.43 9.74 -1.48
C VAL B 10 -28.54 8.54 -1.74
N SER B 11 -28.55 8.07 -3.00
CA SER B 11 -27.72 6.97 -3.47
C SER B 11 -26.98 7.43 -4.72
N VAL B 12 -25.71 7.07 -4.84
CA VAL B 12 -24.92 7.28 -6.06
C VAL B 12 -23.97 6.13 -6.24
N ALA B 13 -23.42 6.00 -7.45
CA ALA B 13 -22.37 5.05 -7.72
C ALA B 13 -21.06 5.79 -7.50
N PRO B 14 -19.94 5.09 -7.22
CA PRO B 14 -18.63 5.72 -7.17
C PRO B 14 -18.34 6.57 -8.39
N GLY B 15 -17.79 7.76 -8.14
CA GLY B 15 -17.42 8.71 -9.17
C GLY B 15 -18.52 9.66 -9.56
N GLN B 16 -19.76 9.31 -9.27
CA GLN B 16 -20.90 10.19 -9.53
C GLN B 16 -20.89 11.34 -8.51
N THR B 17 -21.60 12.41 -8.84
CA THR B 17 -21.74 13.56 -7.97
C THR B 17 -22.97 13.35 -7.10
N ALA B 18 -22.79 13.47 -5.78
CA ALA B 18 -23.90 13.38 -4.85
C ALA B 18 -24.30 14.80 -4.49
N SER B 19 -25.61 15.04 -4.45
CA SER B 19 -26.18 16.32 -4.08
C SER B 19 -27.14 16.10 -2.92
N ILE B 20 -26.88 16.78 -1.81
CA ILE B 20 -27.67 16.66 -0.59
C ILE B 20 -28.18 18.05 -0.27
N THR B 21 -29.51 18.18 -0.20
CA THR B 21 -30.17 19.46 0.05
C THR B 21 -30.70 19.58 1.47
N CYS B 22 -30.72 20.82 1.95
CA CYS B 22 -31.21 21.18 3.25
C CYS B 22 -32.22 22.29 3.00
N SER B 23 -33.48 22.07 3.40
CA SER B 23 -34.53 23.07 3.18
C SER B 23 -35.32 23.47 4.42
N GLY B 24 -35.59 24.79 4.49
CA GLY B 24 -36.33 25.43 5.57
C GLY B 24 -36.67 26.85 5.11
N ASP B 25 -37.77 27.39 5.63
CA ASP B 25 -38.24 28.72 5.25
C ASP B 25 -37.12 29.79 5.39
N LYS B 26 -36.82 30.47 4.27
CA LYS B 26 -35.84 31.55 4.21
C LYS B 26 -34.48 31.14 4.76
N LEU B 27 -33.98 29.99 4.30
CA LEU B 27 -32.70 29.42 4.73
C LEU B 27 -31.45 30.21 4.25
N GLY B 28 -31.57 30.81 3.05
CA GLY B 28 -30.52 31.63 2.46
C GLY B 28 -30.21 32.90 3.23
N ASP B 29 -31.14 33.29 4.11
CA ASP B 29 -30.92 34.42 5.02
C ASP B 29 -29.76 34.14 5.99
N LYS B 30 -29.50 32.85 6.26
CA LYS B 30 -28.59 32.40 7.32
C LYS B 30 -27.39 31.59 6.81
N TYR B 31 -26.52 31.20 7.76
CA TYR B 31 -25.33 30.40 7.52
C TYR B 31 -25.58 28.93 7.84
N VAL B 32 -25.19 28.07 6.90
CA VAL B 32 -25.40 26.65 7.03
C VAL B 32 -24.06 25.94 7.12
N SER B 33 -24.00 24.93 8.00
CA SER B 33 -22.86 24.05 8.16
C SER B 33 -23.29 22.60 7.96
N TRP B 34 -22.33 21.76 7.54
CA TRP B 34 -22.54 20.37 7.20
C TRP B 34 -21.59 19.44 8.00
N TYR B 35 -22.16 18.36 8.55
CA TYR B 35 -21.47 17.39 9.37
C TYR B 35 -21.62 16.02 8.74
N GLN B 36 -20.52 15.26 8.74
CA GLN B 36 -20.51 13.88 8.32
C GLN B 36 -20.47 13.02 9.57
N GLN B 37 -21.27 11.96 9.61
CA GLN B 37 -21.27 11.05 10.75
C GLN B 37 -21.26 9.62 10.29
N ARG B 38 -20.24 8.87 10.74
CA ARG B 38 -20.13 7.42 10.51
C ARG B 38 -20.73 6.64 11.68
N PRO B 39 -21.16 5.38 11.46
CA PRO B 39 -21.75 4.56 12.53
C PRO B 39 -20.89 4.46 13.77
N GLY B 40 -21.51 4.70 14.93
CA GLY B 40 -20.84 4.63 16.21
C GLY B 40 -19.76 5.69 16.43
N GLN B 41 -19.65 6.64 15.48
CA GLN B 41 -18.70 7.78 15.59
C GLN B 41 -19.39 9.15 15.83
N SER B 42 -18.59 10.10 16.28
CA SER B 42 -19.03 11.47 16.53
C SER B 42 -19.07 12.21 15.19
N PRO B 43 -19.97 13.21 15.02
CA PRO B 43 -19.96 14.00 13.79
C PRO B 43 -18.63 14.75 13.59
N VAL B 44 -18.32 15.04 12.32
CA VAL B 44 -17.17 15.79 11.89
C VAL B 44 -17.66 16.92 10.96
N LEU B 45 -17.16 18.13 11.19
CA LEU B 45 -17.52 19.28 10.35
C LEU B 45 -16.87 19.14 8.98
N VAL B 46 -17.67 19.19 7.92
CA VAL B 46 -17.13 19.15 6.55
C VAL B 46 -17.24 20.50 5.83
N LEU B 47 -18.21 21.34 6.20
CA LEU B 47 -18.37 22.68 5.63
C LEU B 47 -19.00 23.61 6.62
N TYR B 48 -18.61 24.88 6.57
CA TYR B 48 -19.21 25.93 7.39
C TYR B 48 -19.41 27.20 6.55
N GLN B 49 -20.19 28.15 7.10
CA GLN B 49 -20.52 29.39 6.42
C GLN B 49 -20.85 29.09 4.95
N ASP B 50 -21.82 28.19 4.76
CA ASP B 50 -22.36 27.76 3.45
C ASP B 50 -21.43 26.82 2.65
N SER B 51 -20.14 27.16 2.59
CA SER B 51 -19.22 26.60 1.58
C SER B 51 -17.72 26.58 1.90
N LYS B 52 -17.34 26.92 3.14
CA LYS B 52 -15.93 26.88 3.51
C LYS B 52 -15.62 25.52 4.06
N ARG B 53 -14.46 25.03 3.68
CA ARG B 53 -14.02 23.71 4.00
C ARG B 53 -12.99 23.80 5.12
N PRO B 54 -13.16 23.09 6.25
CA PRO B 54 -12.08 22.96 7.24
C PRO B 54 -10.85 22.27 6.70
N SER B 55 -9.72 22.54 7.37
CA SER B 55 -8.44 21.96 7.03
C SER B 55 -8.51 20.44 7.13
N GLY B 56 -8.13 19.76 6.04
CA GLY B 56 -8.09 18.31 6.02
C GLY B 56 -9.31 17.66 5.40
N ILE B 57 -10.33 18.48 5.10
CA ILE B 57 -11.51 17.99 4.41
C ILE B 57 -11.16 17.98 2.93
N PRO B 58 -11.30 16.86 2.20
CA PRO B 58 -10.96 16.84 0.77
C PRO B 58 -11.76 17.85 -0.04
N GLU B 59 -11.14 18.33 -1.12
CA GLU B 59 -11.70 19.32 -2.03
C GLU B 59 -12.94 18.89 -2.81
N ARG B 60 -13.21 17.57 -2.88
CA ARG B 60 -14.45 17.10 -3.53
C ARG B 60 -15.74 17.52 -2.80
N PHE B 61 -15.60 17.90 -1.52
CA PHE B 61 -16.71 18.48 -0.77
C PHE B 61 -16.85 19.98 -1.06
N SER B 62 -18.05 20.40 -1.50
CA SER B 62 -18.40 21.83 -1.59
C SER B 62 -19.87 22.09 -1.35
N GLY B 63 -20.22 23.37 -1.14
CA GLY B 63 -21.59 23.75 -0.80
C GLY B 63 -22.07 25.13 -1.22
N SER B 64 -23.39 25.34 -1.12
CA SER B 64 -24.07 26.59 -1.47
C SER B 64 -25.37 26.76 -0.66
N ASN B 65 -25.81 28.02 -0.49
CA ASN B 65 -27.04 28.36 0.24
C ASN B 65 -27.70 29.55 -0.46
N SER B 66 -28.97 29.41 -0.84
CA SER B 66 -29.76 30.49 -1.44
C SER B 66 -31.24 30.16 -1.41
N GLY B 67 -32.06 31.18 -1.09
CA GLY B 67 -33.50 31.05 -1.06
C GLY B 67 -33.92 30.24 0.14
N ASN B 68 -34.59 29.11 -0.13
CA ASN B 68 -35.04 28.17 0.89
C ASN B 68 -34.19 26.87 0.94
N THR B 69 -33.11 26.82 0.14
CA THR B 69 -32.33 25.59 -0.06
C THR B 69 -30.79 25.74 -0.02
N ALA B 70 -30.14 24.92 0.82
CA ALA B 70 -28.67 24.82 0.89
C ALA B 70 -28.26 23.44 0.41
N THR B 71 -27.14 23.36 -0.31
CA THR B 71 -26.70 22.13 -0.96
C THR B 71 -25.24 21.72 -0.66
N LEU B 72 -25.08 20.47 -0.23
CA LEU B 72 -23.79 19.81 -0.10
C LEU B 72 -23.57 18.97 -1.35
N THR B 73 -22.48 19.24 -2.06
CA THR B 73 -22.13 18.55 -3.29
C THR B 73 -20.85 17.76 -3.08
N ILE B 74 -20.88 16.47 -3.45
CA ILE B 74 -19.68 15.67 -3.41
C ILE B 74 -19.38 15.26 -4.85
N SER B 75 -18.28 15.79 -5.40
CA SER B 75 -17.80 15.43 -6.75
C SER B 75 -16.97 14.18 -6.64
N GLY B 76 -17.09 13.28 -7.62
CA GLY B 76 -16.30 12.07 -7.61
C GLY B 76 -16.49 11.23 -6.35
N THR B 77 -17.74 11.04 -5.95
CA THR B 77 -18.06 10.38 -4.68
C THR B 77 -17.31 9.07 -4.54
N GLN B 78 -16.70 8.87 -3.37
CA GLN B 78 -15.97 7.68 -3.01
C GLN B 78 -16.74 6.81 -2.04
N ALA B 79 -16.41 5.51 -2.01
CA ALA B 79 -17.06 4.56 -1.11
C ALA B 79 -17.00 5.03 0.33
N MET B 80 -15.86 5.64 0.70
CA MET B 80 -15.65 6.09 2.06
C MET B 80 -16.58 7.28 2.45
N ASP B 81 -17.19 7.92 1.46
CA ASP B 81 -18.15 8.99 1.70
C ASP B 81 -19.54 8.52 2.19
N GLU B 82 -19.77 7.20 2.13
CA GLU B 82 -21.00 6.61 2.66
C GLU B 82 -21.06 6.89 4.16
N ALA B 83 -22.15 7.56 4.59
CA ALA B 83 -22.28 8.15 5.91
C ALA B 83 -23.60 8.88 5.96
N ASP B 84 -23.94 9.36 7.15
CA ASP B 84 -25.05 10.28 7.38
C ASP B 84 -24.49 11.69 7.32
N TYR B 85 -25.26 12.60 6.71
CA TYR B 85 -24.88 14.00 6.63
C TYR B 85 -25.96 14.84 7.26
N TYR B 86 -25.57 15.80 8.11
CA TYR B 86 -26.51 16.72 8.76
C TYR B 86 -26.18 18.14 8.37
N CYS B 87 -27.20 18.92 7.99
CA CYS B 87 -27.06 20.35 7.87
C CYS B 87 -27.46 20.96 9.21
N GLN B 88 -26.86 22.12 9.49
CA GLN B 88 -27.11 22.83 10.72
C GLN B 88 -27.14 24.28 10.34
N ALA B 89 -28.14 25.00 10.83
CA ALA B 89 -28.31 26.41 10.55
C ALA B 89 -28.15 27.19 11.83
N TRP B 90 -27.88 28.48 11.63
CA TRP B 90 -27.66 29.43 12.70
C TRP B 90 -28.34 30.73 12.29
N ASP B 91 -29.31 31.17 13.11
CA ASP B 91 -30.02 32.44 12.89
C ASP B 91 -29.67 33.42 14.00
N SER B 92 -28.66 33.05 14.82
CA SER B 92 -28.24 33.78 16.03
C SER B 92 -29.00 33.35 17.32
N SER B 93 -30.21 32.79 17.16
CA SER B 93 -31.05 32.38 18.28
C SER B 93 -30.73 30.93 18.64
N ALA B 94 -31.36 30.00 17.92
CA ALA B 94 -31.27 28.59 18.25
C ALA B 94 -30.51 27.81 17.20
N LEU B 95 -29.73 26.84 17.69
CA LEU B 95 -28.97 25.93 16.88
C LEU B 95 -29.98 24.90 16.40
N VAL B 96 -30.16 24.79 15.08
CA VAL B 96 -31.06 23.79 14.52
C VAL B 96 -30.39 22.91 13.49
N PHE B 97 -30.73 21.62 13.53
CA PHE B 97 -30.16 20.64 12.64
C PHE B 97 -31.26 20.06 11.75
N GLY B 98 -30.90 19.74 10.52
CA GLY B 98 -31.71 18.93 9.63
C GLY B 98 -31.81 17.55 10.21
N GLY B 99 -32.73 16.76 9.65
CA GLY B 99 -33.00 15.40 10.11
C GLY B 99 -31.96 14.38 9.69
N GLY B 100 -31.07 14.78 8.78
CA GLY B 100 -30.01 13.91 8.28
C GLY B 100 -30.36 13.26 6.96
N THR B 101 -29.33 13.02 6.14
CA THR B 101 -29.43 12.27 4.91
C THR B 101 -28.44 11.13 4.99
N LYS B 102 -28.93 9.91 4.81
CA LYS B 102 -28.06 8.77 4.60
C LYS B 102 -27.61 8.78 3.13
N LEU B 103 -26.31 8.96 2.90
CA LEU B 103 -25.68 8.77 1.60
C LEU B 103 -25.21 7.33 1.45
N THR B 104 -25.81 6.61 0.50
CA THR B 104 -25.37 5.26 0.14
C THR B 104 -24.58 5.30 -1.19
N VAL B 105 -23.39 4.72 -1.19
CA VAL B 105 -22.59 4.59 -2.38
C VAL B 105 -22.75 3.16 -2.89
N LEU B 106 -23.50 2.99 -3.98
CA LEU B 106 -23.89 1.66 -4.45
C LEU B 106 -22.80 1.03 -5.28
N ARG B 107 -22.43 -0.20 -4.91
CA ARG B 107 -21.51 -1.02 -5.68
C ARG B 107 -22.30 -2.13 -6.37
N THR B 108 -22.39 -2.01 -7.70
CA THR B 108 -23.09 -2.94 -8.56
C THR B 108 -22.09 -3.49 -9.59
N VAL B 109 -22.58 -4.33 -10.50
CA VAL B 109 -21.72 -5.08 -11.43
C VAL B 109 -20.74 -4.18 -12.16
N ALA B 110 -19.49 -4.65 -12.28
CA ALA B 110 -18.51 -4.03 -13.13
C ALA B 110 -17.64 -5.13 -13.73
N ALA B 111 -17.64 -5.22 -15.05
CA ALA B 111 -16.85 -6.21 -15.78
C ALA B 111 -15.39 -5.81 -15.55
N PRO B 112 -14.46 -6.78 -15.46
CA PRO B 112 -13.04 -6.46 -15.35
C PRO B 112 -12.49 -5.86 -16.64
N SER B 113 -11.50 -4.98 -16.50
CA SER B 113 -10.61 -4.66 -17.57
C SER B 113 -9.48 -5.67 -17.49
N VAL B 114 -9.15 -6.31 -18.61
CA VAL B 114 -8.19 -7.40 -18.61
C VAL B 114 -6.91 -7.00 -19.38
N PHE B 115 -5.75 -7.33 -18.79
CA PHE B 115 -4.45 -7.02 -19.35
C PHE B 115 -3.56 -8.26 -19.21
N ILE B 116 -2.73 -8.52 -20.22
CA ILE B 116 -1.79 -9.63 -20.16
C ILE B 116 -0.37 -9.09 -20.33
N PHE B 117 0.58 -9.65 -19.58
CA PHE B 117 1.97 -9.20 -19.58
C PHE B 117 2.86 -10.39 -19.86
N PRO B 118 3.65 -10.40 -20.95
CA PRO B 118 4.66 -11.42 -21.12
C PRO B 118 5.74 -11.27 -20.07
N PRO B 119 6.57 -12.30 -19.89
CA PRO B 119 7.74 -12.19 -19.03
C PRO B 119 8.69 -11.14 -19.63
N SER B 120 9.41 -10.46 -18.74
CA SER B 120 10.45 -9.55 -19.13
C SER B 120 11.63 -10.33 -19.66
N ASP B 121 12.43 -9.68 -20.51
CA ASP B 121 13.65 -10.29 -21.02
C ASP B 121 14.63 -10.59 -19.90
N GLU B 122 14.73 -9.66 -18.94
CA GLU B 122 15.52 -9.86 -17.74
C GLU B 122 15.23 -11.17 -17.00
N GLN B 123 13.95 -11.45 -16.74
CA GLN B 123 13.56 -12.67 -16.05
C GLN B 123 13.95 -13.90 -16.88
N LEU B 124 13.69 -13.85 -18.19
CA LEU B 124 13.99 -14.96 -19.10
C LEU B 124 15.45 -15.40 -19.03
N LYS B 125 16.35 -14.44 -18.82
CA LYS B 125 17.77 -14.74 -18.68
C LYS B 125 18.05 -15.67 -17.50
N SER B 126 17.19 -15.63 -16.48
CA SER B 126 17.32 -16.45 -15.28
C SER B 126 16.73 -17.88 -15.40
N GLY B 127 16.10 -18.17 -16.54
CA GLY B 127 15.59 -19.49 -16.84
C GLY B 127 14.13 -19.77 -16.51
N THR B 128 13.41 -18.73 -16.10
CA THR B 128 12.01 -18.84 -15.71
C THR B 128 11.18 -17.75 -16.39
N ALA B 129 9.92 -18.08 -16.71
CA ALA B 129 9.00 -17.14 -17.28
C ALA B 129 7.76 -17.04 -16.42
N SER B 130 7.45 -15.81 -15.98
CA SER B 130 6.18 -15.49 -15.36
C SER B 130 5.32 -14.70 -16.35
N VAL B 131 4.11 -15.19 -16.63
CA VAL B 131 3.14 -14.51 -17.49
C VAL B 131 2.01 -14.06 -16.60
N VAL B 132 1.67 -12.77 -16.67
CA VAL B 132 0.71 -12.22 -15.72
C VAL B 132 -0.54 -11.74 -16.41
N CYS B 133 -1.70 -12.13 -15.87
CA CYS B 133 -3.00 -11.68 -16.34
C CYS B 133 -3.60 -10.87 -15.20
N LEU B 134 -3.96 -9.62 -15.48
CA LEU B 134 -4.59 -8.74 -14.53
C LEU B 134 -6.06 -8.53 -14.92
N LEU B 135 -6.94 -8.71 -13.94
CA LEU B 135 -8.35 -8.36 -14.00
C LEU B 135 -8.54 -7.17 -13.07
N ASN B 136 -8.83 -6.01 -13.63
CA ASN B 136 -8.84 -4.80 -12.83
C ASN B 136 -10.23 -4.24 -12.59
N ASN B 137 -10.48 -3.87 -11.33
CA ASN B 137 -11.64 -3.05 -10.89
C ASN B 137 -12.99 -3.67 -11.31
N PHE B 138 -13.24 -4.86 -10.81
CA PHE B 138 -14.44 -5.59 -11.15
C PHE B 138 -15.26 -5.85 -9.93
N TYR B 139 -16.54 -6.19 -10.18
CA TYR B 139 -17.46 -6.50 -9.12
C TYR B 139 -18.62 -7.28 -9.73
N PRO B 140 -19.12 -8.38 -9.11
CA PRO B 140 -18.65 -8.89 -7.82
C PRO B 140 -17.38 -9.72 -7.88
N ARG B 141 -17.03 -10.33 -6.74
CA ARG B 141 -15.77 -11.02 -6.54
C ARG B 141 -15.52 -12.22 -7.46
N GLU B 142 -16.58 -12.97 -7.75
CA GLU B 142 -16.48 -14.26 -8.42
C GLU B 142 -15.93 -14.01 -9.84
N ALA B 143 -14.84 -14.71 -10.19
CA ALA B 143 -14.19 -14.60 -11.50
C ALA B 143 -13.37 -15.86 -11.77
N LYS B 144 -13.35 -16.30 -13.03
CA LYS B 144 -12.65 -17.49 -13.43
C LYS B 144 -11.63 -17.05 -14.47
N VAL B 145 -10.39 -17.50 -14.30
CA VAL B 145 -9.31 -17.23 -15.23
C VAL B 145 -8.74 -18.54 -15.63
N GLN B 146 -8.69 -18.77 -16.95
CA GLN B 146 -8.06 -19.97 -17.47
C GLN B 146 -6.94 -19.58 -18.42
N TRP B 147 -5.84 -20.33 -18.36
CA TRP B 147 -4.70 -20.10 -19.21
C TRP B 147 -4.66 -21.10 -20.34
N LYS B 148 -4.31 -20.63 -21.53
CA LYS B 148 -4.06 -21.49 -22.64
C LYS B 148 -2.75 -21.14 -23.29
N VAL B 149 -2.00 -22.18 -23.67
CA VAL B 149 -0.74 -22.02 -24.36
C VAL B 149 -0.82 -22.83 -25.66
N ASP B 150 -0.68 -22.15 -26.79
CA ASP B 150 -0.94 -22.70 -28.13
C ASP B 150 -2.26 -23.48 -28.12
N ASN B 151 -3.29 -22.86 -27.53
CA ASN B 151 -4.65 -23.39 -27.35
C ASN B 151 -4.84 -24.55 -26.40
N ALA B 152 -3.75 -25.01 -25.77
CA ALA B 152 -3.83 -26.10 -24.82
C ALA B 152 -4.15 -25.50 -23.46
N LEU B 153 -5.22 -26.00 -22.84
CA LEU B 153 -5.60 -25.58 -21.51
C LEU B 153 -4.54 -25.97 -20.49
N GLN B 154 -4.11 -24.99 -19.67
CA GLN B 154 -3.14 -25.22 -18.62
C GLN B 154 -3.83 -25.56 -17.30
N SER B 155 -3.14 -26.37 -16.49
CA SER B 155 -3.61 -26.79 -15.19
C SER B 155 -2.38 -27.00 -14.30
N GLY B 156 -2.46 -26.52 -13.06
CA GLY B 156 -1.45 -26.71 -12.04
C GLY B 156 -0.23 -25.80 -12.04
N ASN B 157 -0.13 -24.91 -13.03
CA ASN B 157 1.05 -24.05 -13.15
C ASN B 157 0.71 -22.56 -13.05
N SER B 158 -0.40 -22.22 -12.38
CA SER B 158 -0.82 -20.85 -12.15
C SER B 158 -1.31 -20.65 -10.74
N GLN B 159 -1.18 -19.41 -10.24
CA GLN B 159 -1.66 -19.00 -8.95
C GLN B 159 -2.29 -17.64 -9.04
N GLU B 160 -3.32 -17.41 -8.21
CA GLU B 160 -4.10 -16.20 -8.22
C GLU B 160 -3.96 -15.47 -6.89
N SER B 161 -4.06 -14.15 -6.95
CA SER B 161 -4.16 -13.31 -5.78
C SER B 161 -5.20 -12.25 -6.01
N VAL B 162 -5.92 -11.89 -4.94
CA VAL B 162 -6.97 -10.92 -5.06
C VAL B 162 -6.84 -9.83 -3.99
N THR B 163 -7.15 -8.59 -4.38
CA THR B 163 -7.18 -7.48 -3.43
C THR B 163 -8.47 -7.42 -2.63
N GLU B 164 -8.42 -6.71 -1.51
CA GLU B 164 -9.63 -6.40 -0.76
C GLU B 164 -10.39 -5.34 -1.53
N GLN B 165 -11.69 -5.20 -1.22
CA GLN B 165 -12.52 -4.20 -1.86
C GLN B 165 -11.85 -2.85 -1.75
N ASP B 166 -11.78 -2.14 -2.87
CA ASP B 166 -11.07 -0.85 -2.94
C ASP B 166 -11.81 0.23 -2.11
N SER B 167 -11.07 1.09 -1.38
CA SER B 167 -11.71 2.08 -0.49
C SER B 167 -12.42 3.19 -1.26
N LYS B 168 -12.03 3.44 -2.51
CA LYS B 168 -12.70 4.44 -3.31
C LYS B 168 -13.91 3.94 -4.09
N ASP B 169 -13.77 2.77 -4.72
CA ASP B 169 -14.84 2.29 -5.60
C ASP B 169 -15.42 0.93 -5.26
N SER B 170 -14.95 0.31 -4.18
CA SER B 170 -15.47 -0.98 -3.66
C SER B 170 -15.34 -2.17 -4.66
N THR B 171 -14.46 -2.03 -5.66
CA THR B 171 -14.18 -3.12 -6.63
C THR B 171 -13.06 -4.00 -6.12
N TYR B 172 -12.88 -5.14 -6.80
CA TYR B 172 -11.76 -6.03 -6.62
C TYR B 172 -10.83 -5.96 -7.80
N SER B 173 -9.60 -6.39 -7.56
CA SER B 173 -8.68 -6.72 -8.63
C SER B 173 -8.03 -8.06 -8.35
N LEU B 174 -7.58 -8.72 -9.42
CA LEU B 174 -7.08 -10.08 -9.32
C LEU B 174 -5.95 -10.24 -10.31
N SER B 175 -4.90 -10.91 -9.88
CA SER B 175 -3.79 -11.26 -10.74
C SER B 175 -3.74 -12.80 -10.79
N SER B 176 -3.51 -13.35 -11.98
CA SER B 176 -3.22 -14.72 -12.18
C SER B 176 -1.88 -14.80 -12.85
N THR B 177 -0.98 -15.62 -12.27
CA THR B 177 0.35 -15.77 -12.74
C THR B 177 0.64 -17.22 -13.17
N LEU B 178 1.06 -17.38 -14.42
CA LEU B 178 1.42 -18.64 -15.05
C LEU B 178 2.93 -18.73 -15.00
N THR B 179 3.47 -19.81 -14.44
CA THR B 179 4.89 -19.99 -14.36
C THR B 179 5.36 -21.16 -15.21
N LEU B 180 6.32 -20.88 -16.11
CA LEU B 180 6.91 -21.88 -17.02
C LEU B 180 8.41 -21.78 -16.98
N SER B 181 9.11 -22.85 -17.37
CA SER B 181 10.54 -22.80 -17.57
C SER B 181 10.76 -21.96 -18.81
N LYS B 182 11.95 -21.39 -18.94
CA LYS B 182 12.36 -20.68 -20.15
C LYS B 182 12.24 -21.60 -21.35
N ALA B 183 12.63 -22.87 -21.18
CA ALA B 183 12.61 -23.86 -22.26
C ALA B 183 11.19 -24.04 -22.80
N ASP B 184 10.23 -24.21 -21.89
CA ASP B 184 8.82 -24.36 -22.28
C ASP B 184 8.24 -23.11 -22.88
N TYR B 185 8.57 -21.97 -22.29
CA TYR B 185 8.10 -20.70 -22.80
C TYR B 185 8.53 -20.51 -24.26
N GLU B 186 9.78 -20.88 -24.56
CA GLU B 186 10.34 -20.74 -25.91
C GLU B 186 9.79 -21.75 -26.93
N LYS B 187 9.17 -22.83 -26.43
CA LYS B 187 8.59 -23.88 -27.25
C LYS B 187 7.21 -23.56 -27.80
N HIS B 188 6.58 -22.48 -27.32
CA HIS B 188 5.20 -22.14 -27.67
C HIS B 188 5.06 -20.68 -28.11
N LYS B 189 3.98 -20.38 -28.82
CA LYS B 189 3.80 -19.10 -29.51
C LYS B 189 2.76 -18.22 -28.83
N VAL B 190 1.55 -18.76 -28.67
CA VAL B 190 0.41 -17.98 -28.26
C VAL B 190 0.10 -18.20 -26.80
N TYR B 191 0.07 -17.10 -26.03
CA TYR B 191 -0.21 -17.15 -24.60
C TYR B 191 -1.50 -16.39 -24.39
N ALA B 192 -2.47 -17.04 -23.75
CA ALA B 192 -3.80 -16.48 -23.60
C ALA B 192 -4.35 -16.68 -22.22
N CYS B 193 -5.01 -15.65 -21.69
CA CYS B 193 -5.81 -15.81 -20.48
C CYS B 193 -7.25 -15.51 -20.80
N GLU B 194 -8.14 -16.44 -20.43
CA GLU B 194 -9.55 -16.35 -20.71
C GLU B 194 -10.26 -16.04 -19.40
N VAL B 195 -11.06 -14.98 -19.40
CA VAL B 195 -11.73 -14.49 -18.23
C VAL B 195 -13.25 -14.61 -18.32
N THR B 196 -13.87 -15.20 -17.28
CA THR B 196 -15.31 -15.33 -17.20
C THR B 196 -15.75 -14.52 -15.95
N HIS B 197 -16.72 -13.62 -16.14
CA HIS B 197 -17.19 -12.77 -15.05
C HIS B 197 -18.61 -12.32 -15.41
N GLN B 198 -19.43 -12.15 -14.37
CA GLN B 198 -20.86 -11.80 -14.44
C GLN B 198 -21.12 -10.53 -15.30
N GLY B 199 -20.14 -9.62 -15.32
CA GLY B 199 -20.30 -8.39 -16.08
C GLY B 199 -20.05 -8.51 -17.56
N LEU B 200 -19.54 -9.66 -18.02
CA LEU B 200 -19.23 -9.89 -19.42
C LEU B 200 -20.27 -10.79 -20.05
N SER B 201 -20.68 -10.46 -21.27
CA SER B 201 -21.72 -11.21 -21.96
C SER B 201 -21.24 -12.60 -22.43
N SER B 202 -19.92 -12.75 -22.60
CA SER B 202 -19.29 -14.03 -22.86
C SER B 202 -17.84 -13.92 -22.39
N PRO B 203 -17.11 -15.04 -22.24
CA PRO B 203 -15.73 -15.01 -21.77
C PRO B 203 -14.80 -14.23 -22.73
N VAL B 204 -13.90 -13.42 -22.16
CA VAL B 204 -13.02 -12.52 -22.90
C VAL B 204 -11.60 -13.11 -22.82
N THR B 205 -10.91 -13.11 -23.96
CA THR B 205 -9.54 -13.61 -24.01
C THR B 205 -8.58 -12.48 -24.33
N LYS B 206 -7.51 -12.36 -23.55
CA LYS B 206 -6.41 -11.49 -23.93
C LYS B 206 -5.22 -12.39 -24.20
N SER B 207 -4.49 -12.09 -25.27
CA SER B 207 -3.37 -12.94 -25.66
C SER B 207 -2.26 -12.16 -26.31
N PHE B 208 -1.09 -12.79 -26.40
CA PHE B 208 0.03 -12.24 -27.15
C PHE B 208 0.78 -13.39 -27.79
N ASN B 209 1.59 -13.07 -28.80
CA ASN B 209 2.47 -14.05 -29.43
C ASN B 209 3.89 -13.73 -28.99
N ARG B 210 4.58 -14.73 -28.46
CA ARG B 210 5.95 -14.60 -27.95
C ARG B 210 6.83 -13.98 -29.03
N GLY B 211 7.61 -12.95 -28.65
CA GLY B 211 8.60 -12.33 -29.53
C GLY B 211 8.02 -11.32 -30.50
N GLU B 212 6.85 -10.76 -30.19
CA GLU B 212 6.19 -9.75 -31.01
C GLU B 212 6.25 -8.33 -30.40
N CYS B 213 5.94 -7.33 -31.23
CA CYS B 213 6.02 -5.91 -30.88
C CYS B 213 5.23 -5.58 -29.62
C ACT C . 11.01 -8.63 25.11
O ACT C . 10.36 -8.43 24.06
OXT ACT C . 11.30 -7.74 25.95
CH3 ACT C . 11.46 -10.05 25.39
C1 EDO D . 29.39 9.04 16.48
O1 EDO D . 29.68 8.14 17.53
C2 EDO D . 30.21 10.26 16.52
O2 EDO D . 31.37 10.17 15.73
C1 EDO E . -14.41 13.56 5.79
O1 EDO E . -13.76 13.56 4.54
C2 EDO E . -13.90 12.53 6.72
O2 EDO E . -12.49 12.53 6.82
#